data_9CEY
#
_entry.id   9CEY
#
loop_
_entity.id
_entity.type
_entity.pdbx_description
1 polymer 'DNA (26-MER)'
2 polymer 'Maltose/maltodextrin-binding periplasmic protein,Spizellomyces punctatus Fanzor 1'
3 polymer 'DNA (36-MER)'
4 polymer 'RNA (76-MER)'
5 non-polymer 'MAGNESIUM ION'
6 non-polymer 'ZINC ION'
7 water water
#
loop_
_entity_poly.entity_id
_entity_poly.type
_entity_poly.pdbx_seq_one_letter_code
_entity_poly.pdbx_strand_id
1 'polydeoxyribonucleotide'
;(DA)(DT)(DT)(DC)(DG)(DA)(DG)(DC)(DT)(DC)(DG)(DG)(DT)(DA)(DC)(DC)(DC)(DG)(DG)(DG)
(DC)(DA)(DT)(DA)(DT)(DC)(DT)(DA)(DT)(DA)(DG)(DG)(DT)(DT)(DA)(DT)(DG)(DA)(DA)(DA)
(DT)(DC)(DA)(DA)(DA)(DT)(DT)(DA)(DC)(DA)(DA)(DA)(DT)(DA)
;
N
2 'polypeptide(L)'
;MKSSHHHHHHHHHHGSSMKIEEGKLVIWINGDKGYNGLAEVGKKFEKDTGIKVTVEHPDKLEEKFPQVAATGDGPDIIFW
AHDRFGGYAQSGLLAEITPDKAFQDKLYPFTWDAVRYNGKLIAYPIAVEALSLIYNKDLLPNPPKTWEEIPALDKELKAK
GKSALMFNLQEPYFTWPLIAADGGYAFKYENGKYDIKDVGVDNAGAKAGLTFLVDLIKNKHMNADTDYSIAEAAFNKGET
AMTINGPWAWSNIDTSKVNYGVTVLPTFKGQPSKPFVGVLSAGINAASPNKELAKEFLENYLLTDEGLEAVNKDKPLGAV
ALKSYEEELAKDPRIAATMENAQKGEIMPNIPQMSAFWYAVRTAVINAASGRQTVDEALKDAQTGSENLYFQSNAPPKKK
QKLERLKKLDKPTLHTCNKTSFAKAFLPNETYRQRLLDYIAIIHQLADHASHALKFYILSTSTSSFPVVHEDTIEAILYL
LNKGEAWHPRKEAKKAWRDCLLPYVQRYCQIVGFIHPNLRGEQQSINYLTVSMMTNLKVNVQEHFMQMLLRYINLRFDVK
GQKQRLPPKSDARKAFFTRLRYLKSVFLFDVVPELEFLDDLTPLESEVLEEIWSLDLPFLPNDPLAYAIVADPMSFFPAY
CKLSGLYEQYGFQRFSAIPLRRSLIQSHVRIDTIILYQHILCITRRDAETVEKDDLWMRVCNLCTKAFRSRCGMHFEGSI
TTDGASVSVYLKHPEADKYGKRGARKSANTVAAEVKALYVENNLPACRAAENVVVIDPNKRDILYCQDSNGTTFRYTANQ
RAVETGSRRFAKRREAMKEEAGVDLIESRIPSHKTMNLMDFTRYLLVRRADWDRRKEFYSHPAHTRWKWHSFINRQKSES
DLISNMRNKYGENFTVVMGDWSDAGRTARFQTSSKTKGWRTLFKRNRIDCFLLDEYKTSSVCPRCSSSEFVEKKFKTRPH
SRPWRRREGKIEKVHGLLGCTNPNCLQQAWTSGMRYWNRDMLSTCNMLLIVRSMLDGHGRPEVFSRSVPAVA
;
P
3 'polydeoxyribonucleotide'
;(DA)(DT)(DT)(DT)(DG)(DA)(N)(DT)(DT)(DC)(DA)(DT)(DA)(DA)(DC)(DC)(DT)(DA)(DT)(DA)
(DG)(DA)(DT)(DA)(DT)(DG)(DC)(DC)(DC)(DG)(DG)(DG)(DT)(DA)(DC)(DC)(DG)
;
T
4 'polyribonucleotide'
;GUUUUCCGAGCCGGUUGUCGCGCGGUUCAAUCCCUGGUGCGGGUGCUAGUGCCAAUACCCACCGGCUCCGCACUAUCUAU
AGGUUAUGAAAUCAAA
;
W
#
loop_
_chem_comp.id
_chem_comp.type
_chem_comp.name
_chem_comp.formula
A RNA linking ADENOSINE-5'-MONOPHOSPHATE 'C10 H14 N5 O7 P'
C RNA linking CYTIDINE-5'-MONOPHOSPHATE 'C9 H14 N3 O8 P'
DA DNA linking 2'-DEOXYADENOSINE-5'-MONOPHOSPHATE 'C10 H14 N5 O6 P'
DC DNA linking 2'-DEOXYCYTIDINE-5'-MONOPHOSPHATE 'C9 H14 N3 O7 P'
DG DNA linking 2'-DEOXYGUANOSINE-5'-MONOPHOSPHATE 'C10 H14 N5 O7 P'
DT DNA linking THYMIDINE-5'-MONOPHOSPHATE 'C10 H15 N2 O8 P'
G RNA linking GUANOSINE-5'-MONOPHOSPHATE 'C10 H14 N5 O8 P'
MG non-polymer 'MAGNESIUM ION' 'Mg 2'
N RNA linking 'ANY 5'-MONOPHOSPHATE NUCLEOTIDE' 'C5 H11 O7 P'
U RNA linking URIDINE-5'-MONOPHOSPHATE 'C9 H13 N2 O9 P'
ZN non-polymer 'ZINC ION' 'Zn 2'
#
# COMPACT_ATOMS: atom_id res chain seq x y z
N PRO B 412 12.34 -5.63 -15.41
CA PRO B 412 11.66 -6.14 -16.60
C PRO B 412 10.38 -6.88 -16.27
N THR B 413 9.41 -6.84 -17.19
CA THR B 413 8.12 -7.50 -16.98
C THR B 413 8.25 -8.97 -17.38
N LEU B 414 8.82 -9.75 -16.46
CA LEU B 414 9.01 -11.18 -16.68
C LEU B 414 7.77 -12.00 -16.33
N HIS B 415 6.78 -11.42 -15.68
CA HIS B 415 5.56 -12.12 -15.32
C HIS B 415 4.36 -11.22 -15.54
N THR B 416 3.21 -11.83 -15.85
CA THR B 416 1.95 -11.11 -15.99
C THR B 416 0.84 -11.99 -15.42
N CYS B 417 -0.28 -11.35 -15.10
CA CYS B 417 -1.41 -12.04 -14.49
C CYS B 417 -2.69 -11.69 -15.24
N ASN B 418 -3.53 -12.70 -15.42
CA ASN B 418 -4.86 -12.54 -16.00
C ASN B 418 -5.88 -13.11 -15.02
N LYS B 419 -6.62 -12.22 -14.36
CA LYS B 419 -7.57 -12.61 -13.33
C LYS B 419 -8.91 -12.94 -13.96
N THR B 420 -9.46 -14.11 -13.61
CA THR B 420 -10.71 -14.58 -14.16
C THR B 420 -11.56 -15.17 -13.04
N SER B 421 -12.84 -15.40 -13.35
CA SER B 421 -13.77 -15.93 -12.36
C SER B 421 -13.48 -17.40 -12.07
N PHE B 422 -13.92 -17.84 -10.90
CA PHE B 422 -13.71 -19.24 -10.51
C PHE B 422 -14.48 -20.20 -11.41
N ALA B 423 -15.71 -19.84 -11.78
CA ALA B 423 -16.54 -20.73 -12.58
C ALA B 423 -15.95 -20.98 -13.96
N LYS B 424 -15.46 -19.94 -14.63
CA LYS B 424 -14.90 -20.09 -15.96
C LYS B 424 -13.51 -20.70 -15.96
N ALA B 425 -12.71 -20.43 -14.94
CA ALA B 425 -11.33 -20.93 -14.91
C ALA B 425 -11.29 -22.45 -14.80
N PHE B 426 -12.12 -23.02 -13.93
CA PHE B 426 -12.10 -24.45 -13.68
C PHE B 426 -13.25 -25.16 -14.40
N LEU B 427 -13.05 -26.44 -14.65
CA LEU B 427 -14.08 -27.27 -15.25
C LEU B 427 -15.22 -27.48 -14.25
N PRO B 428 -16.42 -27.82 -14.73
CA PRO B 428 -17.56 -27.96 -13.82
C PRO B 428 -17.52 -29.24 -12.98
N ASN B 429 -16.37 -29.92 -12.95
CA ASN B 429 -16.20 -31.09 -12.12
C ASN B 429 -16.31 -30.68 -10.65
N GLU B 430 -17.29 -31.25 -9.95
CA GLU B 430 -17.55 -30.85 -8.57
C GLU B 430 -16.47 -31.37 -7.62
N THR B 431 -15.92 -32.56 -7.89
CA THR B 431 -14.93 -33.13 -6.98
C THR B 431 -13.67 -32.28 -6.92
N TYR B 432 -13.19 -31.83 -8.09
CA TYR B 432 -11.97 -31.02 -8.12
C TYR B 432 -12.18 -29.67 -7.42
N ARG B 433 -13.34 -29.04 -7.64
CA ARG B 433 -13.60 -27.75 -7.01
C ARG B 433 -13.66 -27.88 -5.50
N GLN B 434 -14.31 -28.94 -5.00
CA GLN B 434 -14.43 -29.12 -3.55
C GLN B 434 -13.07 -29.33 -2.90
N ARG B 435 -12.20 -30.11 -3.56
CA ARG B 435 -10.89 -30.39 -2.99
C ARG B 435 -10.06 -29.12 -2.85
N LEU B 436 -10.09 -28.25 -3.86
CA LEU B 436 -9.31 -27.03 -3.79
C LEU B 436 -9.88 -26.06 -2.76
N LEU B 437 -11.21 -26.02 -2.64
CA LEU B 437 -11.83 -25.16 -1.63
C LEU B 437 -11.43 -25.57 -0.22
N ASP B 438 -11.40 -26.87 0.06
CA ASP B 438 -10.93 -27.34 1.36
C ASP B 438 -9.45 -27.06 1.54
N TYR B 439 -8.66 -27.23 0.47
CA TYR B 439 -7.22 -27.06 0.57
C TYR B 439 -6.86 -25.61 0.88
N ILE B 440 -7.47 -24.66 0.19
CA ILE B 440 -7.14 -23.25 0.41
C ILE B 440 -7.58 -22.81 1.80
N ALA B 441 -8.67 -23.38 2.31
CA ALA B 441 -9.11 -23.05 3.66
C ALA B 441 -8.10 -23.53 4.70
N ILE B 442 -7.54 -24.72 4.51
CA ILE B 442 -6.56 -25.26 5.45
C ILE B 442 -5.30 -24.39 5.45
N ILE B 443 -4.83 -24.02 4.26
CA ILE B 443 -3.63 -23.20 4.15
C ILE B 443 -3.87 -21.83 4.77
N HIS B 444 -5.08 -21.28 4.60
CA HIS B 444 -5.41 -20.00 5.21
C HIS B 444 -5.36 -20.09 6.74
N GLN B 445 -5.88 -21.18 7.30
CA GLN B 445 -5.81 -21.36 8.74
C GLN B 445 -4.38 -21.53 9.22
N LEU B 446 -3.57 -22.29 8.47
CA LEU B 446 -2.17 -22.46 8.84
C LEU B 446 -1.42 -21.14 8.80
N ALA B 447 -1.67 -20.33 7.77
CA ALA B 447 -0.98 -19.05 7.65
C ALA B 447 -1.39 -18.10 8.76
N ASP B 448 -2.68 -18.11 9.14
CA ASP B 448 -3.16 -17.22 10.18
C ASP B 448 -2.50 -17.52 11.53
N HIS B 449 -2.49 -18.80 11.90
CA HIS B 449 -1.96 -19.17 13.22
C HIS B 449 -0.44 -19.08 13.25
N ALA B 450 0.23 -19.27 12.11
CA ALA B 450 1.69 -19.18 12.07
C ALA B 450 2.16 -17.78 12.43
N SER B 451 1.50 -16.75 11.92
CA SER B 451 1.88 -15.39 12.25
C SER B 451 1.67 -15.10 13.74
N HIS B 452 0.56 -15.57 14.30
CA HIS B 452 0.32 -15.39 15.73
C HIS B 452 1.32 -16.21 16.55
N ALA B 453 1.63 -17.43 16.10
CA ALA B 453 2.60 -18.26 16.81
C ALA B 453 3.97 -17.62 16.80
N LEU B 454 4.37 -17.02 15.67
CA LEU B 454 5.66 -16.35 15.60
C LEU B 454 5.72 -15.17 16.55
N LYS B 455 4.65 -14.38 16.61
CA LYS B 455 4.61 -13.25 17.53
C LYS B 455 4.61 -13.72 18.98
N PHE B 456 3.87 -14.79 19.27
CA PHE B 456 3.84 -15.32 20.63
C PHE B 456 5.20 -15.82 21.06
N TYR B 457 5.93 -16.48 20.16
CA TYR B 457 7.27 -16.96 20.49
C TYR B 457 8.21 -15.81 20.80
N ILE B 458 8.13 -14.73 20.00
CA ILE B 458 8.99 -13.57 20.22
C ILE B 458 8.67 -12.91 21.56
N LEU B 459 7.38 -12.74 21.84
CA LEU B 459 6.98 -12.11 23.10
C LEU B 459 7.36 -12.96 24.30
N SER B 460 7.19 -14.29 24.19
CA SER B 460 7.53 -15.18 25.29
C SER B 460 9.03 -15.16 25.58
N THR B 461 9.86 -15.14 24.54
CA THR B 461 11.30 -15.13 24.72
C THR B 461 11.87 -13.72 24.90
N SER B 462 11.02 -12.69 24.80
CA SER B 462 11.50 -11.32 24.97
C SER B 462 11.94 -11.03 26.39
N THR B 463 11.62 -11.91 27.35
CA THR B 463 12.03 -11.69 28.73
C THR B 463 13.54 -11.73 28.90
N SER B 464 14.26 -12.44 28.04
CA SER B 464 15.71 -12.54 28.12
C SER B 464 16.40 -11.85 26.94
N SER B 465 16.07 -12.25 25.71
CA SER B 465 16.68 -11.64 24.53
C SER B 465 15.80 -11.92 23.32
N PHE B 466 15.85 -11.02 22.36
CA PHE B 466 15.06 -11.18 21.13
C PHE B 466 15.72 -12.20 20.23
N PRO B 467 15.02 -13.27 19.85
CA PRO B 467 15.62 -14.27 18.95
C PRO B 467 15.80 -13.72 17.54
N VAL B 468 16.74 -14.33 16.83
CA VAL B 468 17.03 -13.96 15.45
C VAL B 468 16.10 -14.76 14.56
N VAL B 469 15.13 -14.08 13.94
CA VAL B 469 14.15 -14.76 13.10
C VAL B 469 14.74 -14.96 11.70
N HIS B 470 14.69 -16.21 11.23
CA HIS B 470 15.16 -16.57 9.90
C HIS B 470 14.08 -17.34 9.17
N GLU B 471 14.40 -17.76 7.94
CA GLU B 471 13.46 -18.56 7.15
C GLU B 471 13.18 -19.90 7.83
N ASP B 472 14.23 -20.51 8.42
CA ASP B 472 14.04 -21.78 9.11
C ASP B 472 13.12 -21.64 10.31
N THR B 473 13.12 -20.46 10.96
CA THR B 473 12.27 -20.27 12.12
C THR B 473 10.79 -20.31 11.74
N ILE B 474 10.41 -19.62 10.67
CA ILE B 474 9.01 -19.61 10.25
C ILE B 474 8.62 -20.97 9.69
N GLU B 475 9.51 -21.61 8.93
CA GLU B 475 9.21 -22.91 8.36
C GLU B 475 9.00 -23.95 9.45
N ALA B 476 9.82 -23.91 10.50
CA ALA B 476 9.65 -24.84 11.61
C ALA B 476 8.33 -24.63 12.33
N ILE B 477 7.91 -23.37 12.50
CA ILE B 477 6.63 -23.07 13.14
C ILE B 477 5.49 -23.64 12.33
N LEU B 478 5.55 -23.49 11.00
CA LEU B 478 4.50 -24.03 10.13
C LEU B 478 4.40 -25.55 10.26
N TYR B 479 5.55 -26.24 10.29
CA TYR B 479 5.52 -27.69 10.44
C TYR B 479 5.07 -28.10 11.82
N LEU B 480 5.51 -27.37 12.85
CA LEU B 480 5.10 -27.72 14.22
C LEU B 480 3.61 -27.54 14.43
N LEU B 481 3.02 -26.50 13.84
CA LEU B 481 1.57 -26.33 13.93
C LEU B 481 0.83 -27.45 13.20
N ASN B 482 1.37 -27.91 12.08
CA ASN B 482 0.67 -28.90 11.27
C ASN B 482 0.86 -30.31 11.83
N LYS B 483 2.11 -30.77 11.93
CA LYS B 483 2.39 -32.13 12.35
C LYS B 483 2.77 -32.27 13.82
N GLY B 484 3.20 -31.18 14.47
CA GLY B 484 3.63 -31.30 15.85
C GLY B 484 4.98 -31.99 15.95
N GLU B 485 5.09 -32.90 16.93
CA GLU B 485 6.33 -33.65 17.10
C GLU B 485 6.56 -34.65 15.98
N ALA B 486 5.54 -34.91 15.15
CA ALA B 486 5.70 -35.84 14.04
C ALA B 486 6.65 -35.34 12.96
N TRP B 487 6.99 -34.05 12.96
CA TRP B 487 7.94 -33.52 11.99
C TRP B 487 9.36 -33.91 12.38
N HIS B 488 10.09 -34.49 11.44
CA HIS B 488 11.45 -34.98 11.67
C HIS B 488 12.37 -34.39 10.60
N PRO B 489 12.81 -33.13 10.78
CA PRO B 489 13.72 -32.54 9.82
C PRO B 489 15.05 -33.29 9.78
N ARG B 490 15.64 -33.35 8.58
CA ARG B 490 16.90 -34.06 8.39
C ARG B 490 18.11 -33.15 8.56
N LYS B 491 17.92 -31.84 8.39
CA LYS B 491 19.02 -30.90 8.54
C LYS B 491 19.22 -30.53 10.00
N GLU B 492 20.48 -30.34 10.39
CA GLU B 492 20.79 -29.99 11.77
C GLU B 492 20.22 -28.62 12.14
N ALA B 493 20.30 -27.66 11.22
CA ALA B 493 19.80 -26.32 11.50
C ALA B 493 18.30 -26.32 11.74
N LYS B 494 17.55 -27.05 10.91
CA LYS B 494 16.10 -27.13 11.11
C LYS B 494 15.76 -27.93 12.37
N LYS B 495 16.56 -28.96 12.66
CA LYS B 495 16.32 -29.77 13.86
C LYS B 495 16.52 -28.95 15.12
N ALA B 496 17.53 -28.08 15.13
CA ALA B 496 17.76 -27.23 16.30
C ALA B 496 16.62 -26.25 16.52
N TRP B 497 16.09 -25.68 15.43
CA TRP B 497 14.96 -24.76 15.56
C TRP B 497 13.71 -25.49 16.02
N ARG B 498 13.53 -26.74 15.59
CA ARG B 498 12.37 -27.52 16.00
C ARG B 498 12.35 -27.72 17.51
N ASP B 499 13.50 -28.07 18.09
CA ASP B 499 13.57 -28.30 19.53
C ASP B 499 13.28 -27.03 20.32
N CYS B 500 13.81 -25.89 19.87
CA CYS B 500 13.60 -24.64 20.61
C CYS B 500 12.15 -24.17 20.50
N LEU B 501 11.55 -24.28 19.32
CA LEU B 501 10.20 -23.77 19.11
C LEU B 501 9.13 -24.71 19.63
N LEU B 502 9.48 -25.98 19.88
CA LEU B 502 8.50 -26.98 20.28
C LEU B 502 7.77 -26.65 21.58
N PRO B 503 8.43 -26.25 22.67
CA PRO B 503 7.70 -26.01 23.93
C PRO B 503 6.63 -24.93 23.81
N TYR B 504 6.86 -23.90 22.99
CA TYR B 504 5.92 -22.79 22.91
C TYR B 504 4.79 -23.02 21.91
N VAL B 505 5.00 -23.89 20.91
CA VAL B 505 3.95 -24.13 19.92
C VAL B 505 2.77 -24.84 20.56
N GLN B 506 3.04 -25.90 21.34
CA GLN B 506 1.96 -26.64 21.97
C GLN B 506 1.21 -25.81 23.01
N ARG B 507 1.93 -24.98 23.77
CA ARG B 507 1.28 -24.11 24.74
C ARG B 507 0.39 -23.07 24.05
N TYR B 508 0.86 -22.55 22.91
CA TYR B 508 0.06 -21.59 22.15
C TYR B 508 -1.22 -22.23 21.63
N CYS B 509 -1.14 -23.47 21.16
CA CYS B 509 -2.32 -24.15 20.64
C CYS B 509 -3.38 -24.35 21.72
N GLN B 510 -2.95 -24.67 22.94
CA GLN B 510 -3.90 -24.84 24.04
C GLN B 510 -4.61 -23.53 24.37
N ILE B 511 -3.90 -22.42 24.32
CA ILE B 511 -4.51 -21.13 24.64
C ILE B 511 -5.60 -20.78 23.62
N VAL B 512 -5.31 -20.97 22.33
CA VAL B 512 -6.26 -20.62 21.28
C VAL B 512 -7.13 -21.80 20.85
N GLY B 513 -6.95 -22.97 21.46
CA GLY B 513 -7.74 -24.14 21.08
C GLY B 513 -7.48 -24.61 19.66
N PHE B 514 -6.24 -24.52 19.19
CA PHE B 514 -5.92 -24.94 17.84
C PHE B 514 -5.76 -26.45 17.78
N ILE B 515 -6.28 -27.06 16.72
CA ILE B 515 -6.19 -28.49 16.50
C ILE B 515 -5.28 -28.74 15.31
N HIS B 516 -4.31 -29.63 15.48
CA HIS B 516 -3.35 -29.91 14.41
C HIS B 516 -4.06 -30.55 13.23
N PRO B 517 -3.94 -29.98 12.03
CA PRO B 517 -4.63 -30.56 10.86
C PRO B 517 -3.90 -31.77 10.31
N ASN B 518 -2.59 -31.84 10.53
CA ASN B 518 -1.75 -32.94 10.03
C ASN B 518 -1.92 -33.11 8.51
N LEU B 519 -1.89 -31.98 7.80
CA LEU B 519 -2.06 -32.02 6.35
C LEU B 519 -0.87 -32.71 5.68
N ARG B 520 -1.18 -33.63 4.78
CA ARG B 520 -0.13 -34.34 4.04
C ARG B 520 0.22 -33.58 2.77
N GLY B 521 1.47 -33.77 2.33
CA GLY B 521 1.93 -33.09 1.13
C GLY B 521 1.95 -31.59 1.23
N GLU B 522 2.43 -31.06 2.36
CA GLU B 522 2.43 -29.63 2.61
C GLU B 522 3.74 -28.95 2.20
N GLN B 523 4.64 -29.67 1.55
CA GLN B 523 5.97 -29.12 1.24
C GLN B 523 5.88 -27.86 0.40
N GLN B 524 5.01 -27.86 -0.62
CA GLN B 524 4.88 -26.70 -1.49
C GLN B 524 4.25 -25.52 -0.75
N SER B 525 3.18 -25.77 0.00
CA SER B 525 2.47 -24.69 0.67
C SER B 525 3.32 -24.05 1.75
N ILE B 526 4.05 -24.86 2.52
CA ILE B 526 4.87 -24.31 3.60
C ILE B 526 5.97 -23.42 3.03
N ASN B 527 6.59 -23.83 1.93
CA ASN B 527 7.63 -23.01 1.30
C ASN B 527 7.07 -21.68 0.84
N TYR B 528 5.88 -21.69 0.24
CA TYR B 528 5.26 -20.45 -0.22
C TYR B 528 4.95 -19.53 0.96
N LEU B 529 4.41 -20.09 2.04
CA LEU B 529 4.07 -19.28 3.21
C LEU B 529 5.33 -18.76 3.90
N THR B 530 6.37 -19.59 3.98
CA THR B 530 7.59 -19.18 4.67
C THR B 530 8.24 -17.99 3.97
N VAL B 531 8.32 -18.02 2.65
CA VAL B 531 8.92 -16.92 1.90
C VAL B 531 8.05 -15.67 2.00
N SER B 532 6.73 -15.84 1.92
CA SER B 532 5.83 -14.69 1.98
C SER B 532 5.92 -14.00 3.34
N MET B 533 5.94 -14.77 4.41
CA MET B 533 6.03 -14.18 5.74
C MET B 533 7.38 -13.50 5.96
N MET B 534 8.46 -14.11 5.48
CA MET B 534 9.77 -13.47 5.55
C MET B 534 9.80 -12.20 4.72
N THR B 535 9.11 -12.20 3.59
CA THR B 535 9.03 -10.99 2.77
C THR B 535 8.34 -9.86 3.53
N ASN B 536 7.24 -10.17 4.23
CA ASN B 536 6.53 -9.16 4.99
C ASN B 536 7.40 -8.58 6.10
N LEU B 537 8.20 -9.43 6.74
CA LEU B 537 9.10 -8.96 7.79
C LEU B 537 10.12 -7.97 7.25
N LYS B 538 10.74 -8.29 6.12
CA LYS B 538 11.77 -7.43 5.56
C LYS B 538 11.18 -6.12 5.07
N VAL B 539 10.04 -6.18 4.39
CA VAL B 539 9.42 -4.97 3.83
C VAL B 539 9.01 -4.01 4.95
N ASN B 540 8.43 -4.54 6.02
CA ASN B 540 7.98 -3.70 7.12
C ASN B 540 9.16 -2.98 7.77
N VAL B 541 10.29 -3.67 7.94
CA VAL B 541 11.45 -3.06 8.58
C VAL B 541 12.05 -1.98 7.69
N GLN B 542 12.19 -2.27 6.38
CA GLN B 542 12.82 -1.31 5.48
C GLN B 542 12.03 -0.01 5.40
N GLU B 543 10.72 -0.10 5.23
CA GLU B 543 9.92 1.08 4.94
C GLU B 543 9.72 1.95 6.18
N HIS B 544 9.46 1.34 7.33
CA HIS B 544 8.95 2.07 8.49
C HIS B 544 9.86 1.93 9.71
N PHE B 545 11.17 1.87 9.52
CA PHE B 545 12.09 1.94 10.65
C PHE B 545 12.60 3.36 10.85
N MET B 546 13.19 3.94 9.79
CA MET B 546 13.66 5.31 9.87
C MET B 546 12.51 6.28 10.08
N GLN B 547 11.38 6.05 9.41
CA GLN B 547 10.21 6.89 9.59
C GLN B 547 9.69 6.82 11.01
N MET B 548 9.62 5.61 11.58
CA MET B 548 9.09 5.46 12.93
C MET B 548 10.06 5.99 13.98
N LEU B 549 11.37 5.79 13.77
CA LEU B 549 12.35 6.29 14.73
C LEU B 549 12.33 7.81 14.81
N LEU B 550 12.27 8.48 13.65
CA LEU B 550 12.17 9.94 13.63
C LEU B 550 10.84 10.39 14.20
N ARG B 551 9.78 9.60 13.97
CA ARG B 551 8.48 9.92 14.54
C ARG B 551 8.51 9.87 16.06
N TYR B 552 9.22 8.90 16.62
CA TYR B 552 9.34 8.81 18.08
C TYR B 552 10.10 10.01 18.64
N ILE B 553 11.15 10.45 17.94
CA ILE B 553 11.93 11.59 18.40
C ILE B 553 11.07 12.85 18.44
N ASN B 554 10.27 13.06 17.40
CA ASN B 554 9.41 14.23 17.35
C ASN B 554 8.38 14.21 18.48
N LEU B 555 7.80 13.04 18.75
CA LEU B 555 6.81 12.94 19.82
C LEU B 555 7.44 13.22 21.18
N ARG B 556 8.65 12.72 21.42
CA ARG B 556 9.31 12.96 22.71
C ARG B 556 9.60 14.44 22.91
N PHE B 557 10.09 15.13 21.88
CA PHE B 557 10.33 16.56 21.98
C PHE B 557 9.06 17.39 21.93
N ASP B 558 7.91 16.76 21.62
CA ASP B 558 6.64 17.44 21.51
C ASP B 558 6.71 18.58 20.49
N VAL B 559 7.09 18.21 19.26
CA VAL B 559 7.22 19.21 18.20
C VAL B 559 5.88 19.87 17.91
N LYS B 560 4.80 19.07 17.86
CA LYS B 560 3.48 19.63 17.60
C LYS B 560 3.06 20.59 18.70
N GLY B 561 3.36 20.23 19.96
CA GLY B 561 3.04 21.13 21.06
C GLY B 561 3.80 22.45 20.98
N GLN B 562 5.08 22.39 20.62
CA GLN B 562 5.86 23.62 20.49
C GLN B 562 5.41 24.44 19.30
N LYS B 563 4.99 23.79 18.21
CA LYS B 563 4.53 24.53 17.04
C LYS B 563 3.32 25.39 17.35
N GLN B 564 2.37 24.87 18.12
CA GLN B 564 1.16 25.63 18.44
C GLN B 564 1.42 26.72 19.47
N ARG B 565 2.30 26.44 20.45
CA ARG B 565 2.54 27.39 21.53
C ARG B 565 3.59 28.43 21.17
N LEU B 566 4.69 28.02 20.54
CA LEU B 566 5.74 28.97 20.23
C LEU B 566 5.42 29.73 18.95
N PRO B 567 5.89 30.98 18.82
CA PRO B 567 5.60 31.76 17.62
C PRO B 567 6.32 31.21 16.41
N PRO B 568 5.59 30.88 15.34
CA PRO B 568 6.24 30.34 14.15
C PRO B 568 7.00 31.40 13.37
N LYS B 569 7.96 30.93 12.56
CA LYS B 569 8.75 31.77 11.68
C LYS B 569 9.46 32.88 12.46
N SER B 570 10.13 32.51 13.55
CA SER B 570 10.91 33.42 14.35
C SER B 570 12.29 32.84 14.59
N ASP B 571 13.29 33.72 14.65
CA ASP B 571 14.67 33.27 14.82
C ASP B 571 14.86 32.53 16.13
N ALA B 572 14.06 32.83 17.15
CA ALA B 572 14.16 32.12 18.42
C ALA B 572 13.81 30.64 18.26
N ARG B 573 12.85 30.33 17.39
CA ARG B 573 12.44 28.94 17.19
C ARG B 573 13.19 28.27 16.06
N LYS B 574 13.76 29.05 15.13
CA LYS B 574 14.60 28.46 14.10
C LYS B 574 15.83 27.81 14.69
N ALA B 575 16.34 28.36 15.80
CA ALA B 575 17.46 27.72 16.49
C ALA B 575 17.07 26.35 17.02
N PHE B 576 15.84 26.22 17.54
CA PHE B 576 15.36 24.92 18.00
C PHE B 576 15.29 23.93 16.85
N PHE B 577 14.79 24.38 15.69
CA PHE B 577 14.78 23.52 14.52
C PHE B 577 16.19 23.13 14.09
N THR B 578 17.11 24.09 14.11
CA THR B 578 18.51 23.78 13.84
C THR B 578 19.09 22.85 14.91
N ARG B 579 18.73 23.09 16.17
CA ARG B 579 19.19 22.22 17.25
C ARG B 579 18.70 20.78 17.05
N LEU B 580 17.41 20.63 16.73
CA LEU B 580 16.86 19.30 16.50
C LEU B 580 17.45 18.65 15.25
N ARG B 581 17.66 19.46 14.20
CA ARG B 581 18.21 18.93 12.97
C ARG B 581 19.63 18.40 13.18
N TYR B 582 20.44 19.12 13.95
CA TYR B 582 21.80 18.66 14.23
C TYR B 582 21.79 17.41 15.10
N LEU B 583 20.82 17.30 16.02
CA LEU B 583 20.74 16.13 16.88
C LEU B 583 20.42 14.86 16.09
N LYS B 584 19.75 15.00 14.94
CA LYS B 584 19.42 13.84 14.14
C LYS B 584 20.68 13.14 13.63
N SER B 585 21.67 13.92 13.21
CA SER B 585 22.93 13.35 12.76
C SER B 585 23.63 12.58 13.88
N VAL B 586 23.57 13.10 15.11
CA VAL B 586 24.12 12.38 16.25
C VAL B 586 23.35 11.09 16.49
N PHE B 587 22.02 11.15 16.39
CA PHE B 587 21.20 9.96 16.60
C PHE B 587 21.46 8.91 15.53
N LEU B 588 21.68 9.34 14.29
CA LEU B 588 21.97 8.43 13.20
C LEU B 588 23.44 8.07 13.11
N PHE B 589 24.27 8.56 14.04
CA PHE B 589 25.71 8.27 14.10
C PHE B 589 26.46 8.80 12.88
N ASP B 590 25.87 9.75 12.14
CA ASP B 590 26.56 10.34 11.00
C ASP B 590 27.65 11.32 11.44
N VAL B 591 27.44 12.03 12.55
CA VAL B 591 28.41 12.98 13.09
C VAL B 591 28.72 12.58 14.52
N VAL B 592 30.00 12.48 14.84
CA VAL B 592 30.43 12.09 16.18
C VAL B 592 30.28 13.27 17.12
N PRO B 593 29.49 13.17 18.18
CA PRO B 593 29.34 14.28 19.12
C PRO B 593 30.59 14.47 19.97
N GLU B 594 30.80 15.71 20.39
CA GLU B 594 31.92 16.02 21.27
C GLU B 594 31.51 15.81 22.74
N LEU B 595 32.52 15.74 23.59
CA LEU B 595 32.27 15.55 25.02
C LEU B 595 31.51 16.73 25.61
N GLU B 596 31.88 17.96 25.21
CA GLU B 596 31.16 19.14 25.68
C GLU B 596 29.74 19.17 25.14
N PHE B 597 29.55 18.69 23.91
CA PHE B 597 28.21 18.67 23.32
C PHE B 597 27.29 17.76 24.12
N LEU B 598 27.79 16.61 24.55
CA LEU B 598 26.97 15.70 25.36
C LEU B 598 26.62 16.31 26.70
N ASP B 599 27.56 17.04 27.31
CA ASP B 599 27.30 17.66 28.60
C ASP B 599 26.28 18.79 28.49
N ASP B 600 26.29 19.52 27.37
CA ASP B 600 25.36 20.62 27.17
C ASP B 600 23.94 20.16 26.86
N LEU B 601 23.72 18.86 26.64
CA LEU B 601 22.39 18.36 26.33
C LEU B 601 21.45 18.56 27.51
N THR B 602 20.22 18.99 27.21
CA THR B 602 19.20 19.13 28.21
C THR B 602 18.74 17.76 28.68
N PRO B 603 18.10 17.67 29.86
CA PRO B 603 17.62 16.36 30.33
C PRO B 603 16.70 15.66 29.34
N LEU B 604 15.86 16.42 28.63
CA LEU B 604 15.04 15.82 27.58
C LEU B 604 15.91 15.30 26.44
N GLU B 605 16.88 16.09 26.00
CA GLU B 605 17.78 15.65 24.95
C GLU B 605 18.64 14.47 25.41
N SER B 606 19.13 14.52 26.64
CA SER B 606 19.98 13.44 27.15
C SER B 606 19.21 12.14 27.24
N GLU B 607 17.96 12.19 27.69
CA GLU B 607 17.15 10.98 27.83
C GLU B 607 16.90 10.33 26.47
N VAL B 608 16.61 11.15 25.45
CA VAL B 608 16.34 10.61 24.12
C VAL B 608 17.58 9.91 23.57
N LEU B 609 18.75 10.52 23.76
CA LEU B 609 19.99 9.94 23.25
C LEU B 609 20.27 8.59 23.92
N GLU B 610 20.04 8.50 25.23
CA GLU B 610 20.26 7.24 25.93
C GLU B 610 19.29 6.17 25.45
N GLU B 611 18.02 6.53 25.25
CA GLU B 611 17.04 5.55 24.78
C GLU B 611 17.37 5.03 23.39
N ILE B 612 17.82 5.91 22.50
CA ILE B 612 18.20 5.48 21.15
C ILE B 612 19.40 4.54 21.21
N TRP B 613 20.39 4.86 22.03
CA TRP B 613 21.56 3.99 22.17
C TRP B 613 21.22 2.65 22.78
N SER B 614 20.12 2.55 23.54
CA SER B 614 19.72 1.28 24.11
C SER B 614 19.21 0.30 23.06
N LEU B 615 18.91 0.76 21.85
CA LEU B 615 18.42 -0.12 20.79
C LEU B 615 19.53 -0.92 20.13
N ASP B 616 20.80 -0.60 20.40
CA ASP B 616 21.94 -1.29 19.79
C ASP B 616 21.85 -1.27 18.27
N LEU B 617 21.68 -0.07 17.72
CA LEU B 617 21.56 0.07 16.27
C LEU B 617 22.88 -0.28 15.60
N PRO B 618 22.85 -0.94 14.44
CA PRO B 618 24.09 -1.22 13.70
C PRO B 618 24.70 0.06 13.16
N PHE B 619 26.02 -0.01 12.91
CA PHE B 619 26.78 1.14 12.46
C PHE B 619 27.65 0.74 11.28
N LEU B 620 27.86 1.70 10.38
CA LEU B 620 28.74 1.53 9.23
C LEU B 620 29.82 2.60 9.24
N PRO B 621 31.07 2.21 9.01
CA PRO B 621 32.17 3.19 9.12
C PRO B 621 32.07 4.35 8.14
N ASN B 622 31.55 4.13 6.94
CA ASN B 622 31.55 5.16 5.91
C ASN B 622 30.17 5.40 5.29
N ASP B 623 29.11 4.87 5.88
CA ASP B 623 27.77 5.02 5.34
C ASP B 623 26.82 5.44 6.46
N PRO B 624 25.76 6.18 6.14
CA PRO B 624 24.78 6.57 7.15
C PRO B 624 23.96 5.37 7.60
N LEU B 625 23.11 5.62 8.60
CA LEU B 625 22.23 4.57 9.12
C LEU B 625 21.23 4.11 8.07
N ALA B 626 20.79 5.03 7.21
CA ALA B 626 19.82 4.68 6.17
C ALA B 626 20.42 3.66 5.20
N TYR B 627 21.70 3.80 4.87
CA TYR B 627 22.36 2.83 3.99
C TYR B 627 22.44 1.47 4.66
N ALA B 628 22.65 1.44 5.98
CA ALA B 628 22.71 0.17 6.70
C ALA B 628 21.36 -0.56 6.65
N ILE B 629 20.26 0.20 6.72
CA ILE B 629 18.94 -0.42 6.67
C ILE B 629 18.73 -1.13 5.35
N VAL B 630 19.12 -0.48 4.24
CA VAL B 630 18.97 -1.10 2.93
C VAL B 630 19.87 -2.32 2.80
N ALA B 631 21.11 -2.22 3.29
CA ALA B 631 22.05 -3.33 3.13
C ALA B 631 21.67 -4.53 3.98
N ASP B 632 21.36 -4.32 5.26
CA ASP B 632 21.05 -5.42 6.19
C ASP B 632 19.78 -5.08 6.95
N PRO B 633 18.61 -5.14 6.30
CA PRO B 633 17.36 -4.84 7.00
C PRO B 633 17.04 -5.81 8.13
N MET B 634 17.44 -7.07 8.00
CA MET B 634 17.05 -8.08 8.98
C MET B 634 17.69 -7.82 10.34
N SER B 635 18.87 -7.20 10.37
CA SER B 635 19.56 -6.96 11.63
C SER B 635 18.85 -5.92 12.48
N PHE B 636 17.97 -5.11 11.90
CA PHE B 636 17.26 -4.08 12.64
C PHE B 636 15.98 -4.58 13.31
N PHE B 637 15.63 -5.85 13.11
CA PHE B 637 14.41 -6.39 13.72
C PHE B 637 14.41 -6.35 15.25
N PRO B 638 15.47 -6.76 15.96
CA PRO B 638 15.44 -6.64 17.43
C PRO B 638 15.26 -5.21 17.91
N ALA B 639 15.86 -4.24 17.22
CA ALA B 639 15.68 -2.84 17.60
C ALA B 639 14.26 -2.37 17.28
N TYR B 640 13.69 -2.86 16.17
CA TYR B 640 12.35 -2.46 15.79
C TYR B 640 11.32 -2.91 16.82
N CYS B 641 11.47 -4.14 17.33
CA CYS B 641 10.56 -4.63 18.36
C CYS B 641 10.69 -3.83 19.64
N LYS B 642 11.92 -3.50 20.04
CA LYS B 642 12.13 -2.72 21.25
C LYS B 642 11.60 -1.30 21.09
N LEU B 643 11.66 -0.76 19.87
CA LEU B 643 11.09 0.57 19.62
C LEU B 643 9.58 0.57 19.83
N SER B 644 8.92 -0.53 19.43
CA SER B 644 7.48 -0.63 19.64
C SER B 644 7.13 -0.65 21.13
N GLY B 645 7.98 -1.27 21.95
CA GLY B 645 7.76 -1.26 23.38
C GLY B 645 7.84 0.13 23.97
N LEU B 646 8.75 0.97 23.44
CA LEU B 646 8.84 2.34 23.91
C LEU B 646 7.58 3.13 23.57
N TYR B 647 7.01 2.88 22.39
CA TYR B 647 5.76 3.55 22.00
C TYR B 647 4.64 3.21 22.97
N GLU B 648 4.52 1.93 23.33
CA GLU B 648 3.46 1.50 24.24
C GLU B 648 3.71 2.02 25.65
N GLN B 649 4.98 2.10 26.05
CA GLN B 649 5.31 2.54 27.41
C GLN B 649 4.89 3.99 27.64
N TYR B 650 5.12 4.86 26.66
CA TYR B 650 4.79 6.27 26.80
C TYR B 650 3.35 6.59 26.42
N GLY B 651 2.57 5.60 25.99
CA GLY B 651 1.19 5.81 25.65
C GLY B 651 0.92 6.35 24.26
N PHE B 652 1.95 6.48 23.43
CA PHE B 652 1.77 6.96 22.07
C PHE B 652 1.06 5.90 21.22
N GLN B 653 0.63 6.32 20.04
CA GLN B 653 -0.06 5.42 19.13
C GLN B 653 0.88 4.32 18.67
N ARG B 654 0.53 3.07 18.98
CA ARG B 654 1.38 1.93 18.68
C ARG B 654 1.31 1.60 17.19
N PHE B 655 2.25 0.78 16.75
CA PHE B 655 2.34 0.34 15.36
C PHE B 655 2.59 -1.16 15.33
N SER B 656 2.18 -1.78 14.22
CA SER B 656 2.33 -3.22 14.05
C SER B 656 3.77 -3.53 13.67
N ALA B 657 4.58 -3.89 14.67
CA ALA B 657 5.98 -4.23 14.42
C ALA B 657 6.09 -5.56 13.68
N ILE B 658 5.27 -6.54 14.06
CA ILE B 658 5.26 -7.86 13.45
C ILE B 658 4.01 -7.98 12.58
N PRO B 659 4.13 -8.37 11.32
CA PRO B 659 2.94 -8.52 10.46
C PRO B 659 2.08 -9.68 10.93
N LEU B 660 0.78 -9.43 11.04
CA LEU B 660 -0.19 -10.44 11.47
C LEU B 660 -1.25 -10.61 10.39
N ARG B 661 -1.52 -11.86 10.02
CA ARG B 661 -2.55 -12.18 9.03
C ARG B 661 -3.89 -12.43 9.73
N ARG B 662 -4.40 -11.37 10.35
CA ARG B 662 -5.59 -11.48 11.19
C ARG B 662 -6.87 -11.66 10.37
N SER B 663 -6.84 -11.34 9.09
CA SER B 663 -8.06 -11.39 8.28
C SER B 663 -8.62 -12.80 8.22
N LEU B 664 -9.91 -12.92 8.51
CA LEU B 664 -10.61 -14.20 8.42
C LEU B 664 -11.24 -14.45 7.07
N ILE B 665 -11.19 -13.47 6.16
CA ILE B 665 -11.70 -13.67 4.81
C ILE B 665 -10.77 -14.60 4.06
N GLN B 666 -11.35 -15.48 3.24
CA GLN B 666 -10.57 -16.46 2.47
C GLN B 666 -9.57 -15.76 1.57
N SER B 667 -8.27 -15.93 1.86
CA SER B 667 -7.23 -15.30 1.06
C SER B 667 -6.80 -16.24 -0.06
N HIS B 668 -6.14 -15.64 -1.06
CA HIS B 668 -5.65 -16.41 -2.19
C HIS B 668 -4.51 -17.32 -1.76
N VAL B 669 -4.53 -18.56 -2.26
CA VAL B 669 -3.51 -19.55 -1.96
C VAL B 669 -2.87 -19.99 -3.26
N ARG B 670 -1.53 -19.98 -3.29
CA ARG B 670 -0.81 -20.36 -4.49
C ARG B 670 -0.99 -21.85 -4.78
N ILE B 671 -1.36 -22.17 -6.01
CA ILE B 671 -1.54 -23.54 -6.47
C ILE B 671 -0.71 -23.73 -7.73
N ASP B 672 0.20 -24.70 -7.69
CA ASP B 672 1.07 -25.02 -8.81
C ASP B 672 0.82 -26.47 -9.26
N THR B 673 1.67 -26.94 -10.15
CA THR B 673 1.51 -28.28 -10.71
C THR B 673 1.63 -29.36 -9.63
N ILE B 674 2.57 -29.22 -8.71
CA ILE B 674 2.77 -30.23 -7.68
C ILE B 674 1.56 -30.33 -6.77
N ILE B 675 1.04 -29.18 -6.33
CA ILE B 675 -0.17 -29.18 -5.50
C ILE B 675 -1.35 -29.75 -6.27
N LEU B 676 -1.38 -29.51 -7.59
CA LEU B 676 -2.51 -29.94 -8.40
C LEU B 676 -2.69 -31.46 -8.37
N TYR B 677 -1.61 -32.21 -8.65
CA TYR B 677 -1.75 -33.66 -8.70
C TYR B 677 -1.79 -34.27 -7.31
N GLN B 678 -1.19 -33.60 -6.33
CA GLN B 678 -1.16 -34.15 -4.98
C GLN B 678 -2.52 -34.04 -4.29
N HIS B 679 -3.21 -32.92 -4.47
CA HIS B 679 -4.43 -32.66 -3.73
C HIS B 679 -5.69 -32.58 -4.57
N ILE B 680 -5.60 -32.10 -5.82
CA ILE B 680 -6.79 -31.96 -6.65
C ILE B 680 -7.02 -33.25 -7.42
N LEU B 681 -6.02 -33.65 -8.22
CA LEU B 681 -6.13 -34.90 -8.97
C LEU B 681 -5.92 -36.12 -8.08
N CYS B 682 -5.17 -35.96 -6.99
CA CYS B 682 -4.91 -37.04 -6.03
C CYS B 682 -4.21 -38.22 -6.68
N ILE B 683 -3.47 -37.97 -7.75
CA ILE B 683 -2.71 -39.03 -8.41
C ILE B 683 -1.31 -39.09 -7.82
N THR B 684 -0.65 -40.22 -8.04
CA THR B 684 0.70 -40.41 -7.52
C THR B 684 1.70 -39.58 -8.31
N ARG B 685 2.86 -39.34 -7.68
CA ARG B 685 3.91 -38.57 -8.34
C ARG B 685 4.46 -39.33 -9.55
N ARG B 686 4.49 -40.66 -9.48
CA ARG B 686 5.00 -41.46 -10.59
C ARG B 686 4.14 -41.27 -11.84
N ASP B 687 2.81 -41.24 -11.67
CA ASP B 687 1.92 -41.02 -12.81
C ASP B 687 2.03 -39.59 -13.33
N ALA B 688 2.26 -38.62 -12.43
CA ALA B 688 2.34 -37.23 -12.85
C ALA B 688 3.52 -36.99 -13.78
N GLU B 689 4.67 -37.63 -13.50
CA GLU B 689 5.86 -37.43 -14.31
C GLU B 689 5.69 -37.96 -15.73
N THR B 690 4.74 -38.88 -15.95
CA THR B 690 4.52 -39.45 -17.27
C THR B 690 3.57 -38.62 -18.12
N VAL B 691 3.02 -37.53 -17.58
CA VAL B 691 2.07 -36.69 -18.30
C VAL B 691 2.65 -35.27 -18.38
N GLU B 692 2.51 -34.66 -19.56
CA GLU B 692 3.01 -33.31 -19.76
C GLU B 692 2.24 -32.32 -18.90
N LYS B 693 2.87 -31.17 -18.64
CA LYS B 693 2.26 -30.16 -17.78
C LYS B 693 0.97 -29.63 -18.38
N ASP B 694 0.96 -29.36 -19.69
CA ASP B 694 -0.25 -28.85 -20.33
C ASP B 694 -1.37 -29.88 -20.29
N ASP B 695 -1.04 -31.15 -20.55
CA ASP B 695 -2.06 -32.19 -20.51
C ASP B 695 -2.58 -32.41 -19.10
N LEU B 696 -1.73 -32.22 -18.09
CA LEU B 696 -2.15 -32.41 -16.71
C LEU B 696 -3.12 -31.32 -16.26
N TRP B 697 -2.89 -30.08 -16.70
CA TRP B 697 -3.75 -28.99 -16.27
C TRP B 697 -5.10 -29.00 -16.98
N MET B 698 -5.15 -29.55 -18.19
CA MET B 698 -6.40 -29.56 -18.94
C MET B 698 -7.46 -30.43 -18.28
N ARG B 699 -7.07 -31.34 -17.38
CA ARG B 699 -8.04 -32.19 -16.70
C ARG B 699 -8.91 -31.43 -15.72
N VAL B 700 -8.46 -30.28 -15.23
CA VAL B 700 -9.20 -29.54 -14.21
C VAL B 700 -9.47 -28.12 -14.69
N CYS B 701 -8.62 -27.61 -15.57
CA CYS B 701 -8.70 -26.23 -16.04
C CYS B 701 -8.88 -26.19 -17.54
N ASN B 702 -9.75 -25.28 -18.00
CA ASN B 702 -10.01 -25.09 -19.42
C ASN B 702 -8.97 -24.12 -19.96
N LEU B 703 -7.86 -24.66 -20.49
CA LEU B 703 -6.80 -23.84 -21.03
C LEU B 703 -7.21 -23.10 -22.29
N CYS B 704 -8.30 -23.51 -22.94
CA CYS B 704 -8.80 -22.79 -24.11
C CYS B 704 -9.45 -21.47 -23.75
N THR B 705 -9.65 -21.19 -22.46
CA THR B 705 -10.27 -19.94 -22.04
C THR B 705 -9.39 -18.76 -22.41
N LYS B 706 -10.03 -17.60 -22.62
CA LYS B 706 -9.30 -16.41 -23.02
C LYS B 706 -8.27 -15.98 -21.99
N ALA B 707 -8.52 -16.29 -20.71
CA ALA B 707 -7.60 -15.88 -19.66
C ALA B 707 -6.26 -16.61 -19.75
N PHE B 708 -6.21 -17.76 -20.41
CA PHE B 708 -4.98 -18.54 -20.52
C PHE B 708 -4.22 -18.28 -21.81
N ARG B 709 -4.68 -17.35 -22.64
CA ARG B 709 -4.00 -17.06 -23.90
C ARG B 709 -2.64 -16.41 -23.64
N SER B 710 -1.66 -16.77 -24.47
CA SER B 710 -0.33 -16.21 -24.33
C SER B 710 -0.30 -14.75 -24.74
N ARG B 711 0.44 -13.94 -23.97
CA ARG B 711 0.59 -12.52 -24.25
C ARG B 711 2.05 -12.12 -24.17
N CYS B 712 2.54 -11.45 -25.20
CA CYS B 712 3.91 -10.92 -25.25
C CYS B 712 4.95 -12.02 -25.04
N GLY B 713 4.66 -13.21 -25.56
CA GLY B 713 5.59 -14.32 -25.45
C GLY B 713 5.56 -15.06 -24.13
N MET B 714 4.73 -14.64 -23.18
CA MET B 714 4.64 -15.32 -21.90
C MET B 714 3.60 -16.44 -21.96
N HIS B 715 3.81 -17.47 -21.15
CA HIS B 715 2.98 -18.66 -21.16
C HIS B 715 2.46 -18.97 -19.77
N PHE B 716 1.42 -19.81 -19.72
CA PHE B 716 0.76 -20.12 -18.46
C PHE B 716 1.71 -20.81 -17.48
N GLU B 717 2.37 -21.88 -17.92
CA GLU B 717 3.38 -22.60 -17.15
C GLU B 717 2.85 -23.15 -15.83
N GLY B 718 1.54 -23.18 -15.64
CA GLY B 718 0.96 -23.82 -14.48
C GLY B 718 1.22 -23.14 -13.15
N SER B 719 0.64 -21.95 -12.95
CA SER B 719 0.78 -21.24 -11.68
C SER B 719 -0.40 -20.30 -11.51
N ILE B 720 -1.30 -20.60 -10.57
CA ILE B 720 -2.47 -19.78 -10.30
C ILE B 720 -2.64 -19.61 -8.80
N THR B 721 -3.37 -18.56 -8.44
CA THR B 721 -3.81 -18.31 -7.07
C THR B 721 -5.32 -18.08 -7.08
N THR B 722 -6.01 -18.69 -6.13
CA THR B 722 -7.47 -18.61 -6.07
C THR B 722 -7.92 -18.46 -4.62
N ASP B 723 -9.08 -17.84 -4.45
CA ASP B 723 -9.69 -17.65 -3.15
C ASP B 723 -11.12 -18.18 -3.08
N GLY B 724 -11.53 -19.01 -4.04
CA GLY B 724 -12.86 -19.57 -4.07
C GLY B 724 -13.86 -18.81 -4.93
N ALA B 725 -13.56 -17.57 -5.30
CA ALA B 725 -14.43 -16.79 -6.16
C ALA B 725 -13.72 -16.23 -7.38
N SER B 726 -12.44 -15.85 -7.24
CA SER B 726 -11.65 -15.33 -8.35
C SER B 726 -10.37 -16.13 -8.48
N VAL B 727 -9.94 -16.33 -9.73
CA VAL B 727 -8.74 -17.09 -10.05
C VAL B 727 -7.77 -16.16 -10.77
N SER B 728 -6.56 -16.03 -10.23
CA SER B 728 -5.52 -15.22 -10.85
C SER B 728 -4.59 -16.13 -11.63
N VAL B 729 -4.67 -16.06 -12.97
CA VAL B 729 -3.86 -16.89 -13.84
C VAL B 729 -2.59 -16.12 -14.18
N TYR B 730 -1.45 -16.64 -13.75
CA TYR B 730 -0.17 -16.00 -13.97
C TYR B 730 0.47 -16.50 -15.26
N LEU B 731 1.10 -15.57 -15.99
CA LEU B 731 1.84 -15.89 -17.20
C LEU B 731 3.33 -15.74 -16.92
N LYS B 732 4.10 -16.75 -17.26
CA LYS B 732 5.53 -16.81 -16.93
C LYS B 732 6.34 -16.78 -18.21
N HIS B 733 7.31 -15.87 -18.25
CA HIS B 733 8.20 -15.75 -19.41
C HIS B 733 9.20 -16.90 -19.44
N PRO B 734 9.59 -17.36 -20.62
CA PRO B 734 10.58 -18.45 -20.71
C PRO B 734 11.92 -18.08 -20.09
N GLU B 735 12.29 -16.81 -20.04
CA GLU B 735 13.56 -16.38 -19.48
C GLU B 735 13.46 -16.00 -18.01
N ALA B 736 12.53 -16.60 -17.27
CA ALA B 736 12.39 -16.31 -15.85
C ALA B 736 13.56 -16.90 -15.07
N ASP B 737 13.63 -16.53 -13.79
CA ASP B 737 14.70 -16.97 -12.91
C ASP B 737 14.65 -18.47 -12.61
N LYS B 738 13.55 -19.15 -12.93
CA LYS B 738 13.38 -20.58 -12.67
C LYS B 738 13.58 -20.91 -11.19
N TYR B 739 13.08 -20.02 -10.32
CA TYR B 739 13.17 -20.17 -8.86
C TYR B 739 14.62 -20.18 -8.38
N GLY B 740 14.82 -20.11 -7.07
CA GLY B 740 16.14 -20.12 -6.49
C GLY B 740 16.86 -18.78 -6.46
N LYS B 741 16.32 -17.78 -7.15
CA LYS B 741 16.90 -16.43 -7.17
C LYS B 741 18.37 -16.44 -7.59
N VAL B 751 18.73 6.60 -9.89
CA VAL B 751 17.28 6.49 -9.76
C VAL B 751 16.64 7.87 -9.84
N ALA B 752 17.34 8.87 -9.30
CA ALA B 752 16.82 10.23 -9.32
C ALA B 752 16.68 10.74 -10.75
N ALA B 753 17.68 10.45 -11.60
CA ALA B 753 17.57 10.84 -13.00
C ALA B 753 16.48 10.06 -13.72
N GLU B 754 16.27 8.80 -13.34
CA GLU B 754 15.21 8.01 -13.96
C GLU B 754 13.84 8.59 -13.67
N VAL B 755 13.60 9.04 -12.44
CA VAL B 755 12.34 9.68 -12.10
C VAL B 755 12.18 10.99 -12.87
N LYS B 756 13.27 11.76 -12.97
CA LYS B 756 13.22 13.02 -13.71
C LYS B 756 12.89 12.79 -15.19
N ALA B 757 13.27 11.63 -15.75
CA ALA B 757 12.98 11.36 -17.14
C ALA B 757 11.49 11.25 -17.43
N LEU B 758 10.66 11.00 -16.41
CA LEU B 758 9.22 10.92 -16.61
C LEU B 758 8.58 12.30 -16.80
N TYR B 759 9.29 13.37 -16.45
CA TYR B 759 8.73 14.71 -16.59
C TYR B 759 8.63 15.10 -18.07
N VAL B 760 7.71 16.01 -18.36
CA VAL B 760 7.47 16.44 -19.74
C VAL B 760 8.66 17.22 -20.28
N GLU B 761 9.50 17.76 -19.38
CA GLU B 761 10.65 18.55 -19.82
C GLU B 761 11.61 17.71 -20.65
N ASN B 762 11.86 16.46 -20.24
CA ASN B 762 12.74 15.58 -20.98
C ASN B 762 12.04 14.79 -22.08
N ASN B 763 10.71 14.88 -22.15
CA ASN B 763 9.93 14.18 -23.18
C ASN B 763 9.29 15.13 -24.17
N LEU B 764 9.90 16.29 -24.40
CA LEU B 764 9.34 17.25 -25.36
C LEU B 764 9.21 16.71 -26.78
N PRO B 765 10.21 16.02 -27.36
CA PRO B 765 10.00 15.50 -28.73
C PRO B 765 8.82 14.56 -28.87
N ALA B 766 8.51 13.79 -27.83
CA ALA B 766 7.34 12.91 -27.89
C ALA B 766 6.05 13.71 -28.00
N CYS B 767 5.96 14.82 -27.27
CA CYS B 767 4.75 15.64 -27.32
C CYS B 767 4.59 16.31 -28.68
N ARG B 768 5.69 16.72 -29.30
CA ARG B 768 5.62 17.39 -30.60
C ARG B 768 5.04 16.47 -31.68
N ALA B 769 5.46 15.21 -31.68
CA ALA B 769 4.96 14.26 -32.67
C ALA B 769 3.58 13.71 -32.34
N ALA B 770 3.05 14.01 -31.15
CA ALA B 770 1.74 13.52 -30.77
C ALA B 770 0.65 14.19 -31.60
N GLU B 771 -0.40 13.42 -31.90
CA GLU B 771 -1.53 13.98 -32.64
C GLU B 771 -2.23 15.06 -31.82
N ASN B 772 -2.40 14.84 -30.52
CA ASN B 772 -3.03 15.81 -29.64
C ASN B 772 -2.41 15.69 -28.26
N VAL B 773 -2.30 16.83 -27.57
CA VAL B 773 -1.70 16.89 -26.25
C VAL B 773 -2.79 17.26 -25.25
N VAL B 774 -2.94 16.44 -24.21
CA VAL B 774 -3.95 16.63 -23.18
C VAL B 774 -3.25 16.80 -21.84
N VAL B 775 -3.60 17.86 -21.12
CA VAL B 775 -3.04 18.13 -19.79
C VAL B 775 -4.07 17.73 -18.74
N ILE B 776 -3.59 17.14 -17.65
CA ILE B 776 -4.45 16.67 -16.57
C ILE B 776 -3.98 17.30 -15.26
N ASP B 777 -4.93 17.85 -14.50
CA ASP B 777 -4.63 18.41 -13.19
C ASP B 777 -5.26 17.54 -12.12
N PRO B 778 -4.50 16.71 -11.41
CA PRO B 778 -5.10 15.86 -10.37
C PRO B 778 -5.56 16.68 -9.17
N ASN B 779 -6.67 16.24 -8.59
CA ASN B 779 -7.23 16.86 -7.40
C ASN B 779 -7.92 15.79 -6.57
N LYS B 780 -8.21 16.13 -5.31
CA LYS B 780 -8.85 15.17 -4.41
C LYS B 780 -10.26 14.83 -4.88
N ARG B 781 -11.04 15.85 -5.25
CA ARG B 781 -12.39 15.59 -5.76
C ARG B 781 -12.38 15.30 -7.26
N ASP B 782 -11.80 16.20 -8.05
CA ASP B 782 -11.64 15.99 -9.49
C ASP B 782 -10.32 15.28 -9.71
N ILE B 783 -10.38 13.95 -9.68
CA ILE B 783 -9.16 13.14 -9.76
C ILE B 783 -8.44 13.40 -11.09
N LEU B 784 -9.18 13.44 -12.18
CA LEU B 784 -8.62 13.76 -13.49
C LEU B 784 -9.43 14.89 -14.10
N TYR B 785 -8.75 15.97 -14.49
CA TYR B 785 -9.37 17.11 -15.15
C TYR B 785 -8.57 17.39 -16.42
N CYS B 786 -9.17 17.11 -17.57
CA CYS B 786 -8.47 17.12 -18.85
C CYS B 786 -8.87 18.33 -19.67
N GLN B 787 -7.89 18.87 -20.40
CA GLN B 787 -8.12 19.96 -21.33
C GLN B 787 -7.04 19.91 -22.41
N ASP B 788 -7.40 20.35 -23.61
CA ASP B 788 -6.50 20.34 -24.75
C ASP B 788 -6.51 21.71 -25.42
N SER B 789 -5.74 21.82 -26.52
CA SER B 789 -5.68 23.08 -27.24
C SER B 789 -7.02 23.45 -27.86
N ASN B 790 -7.77 22.45 -28.33
CA ASN B 790 -9.06 22.68 -28.94
C ASN B 790 -10.12 23.16 -27.95
N GLY B 791 -9.84 23.08 -26.65
CA GLY B 791 -10.78 23.52 -25.64
C GLY B 791 -11.81 22.51 -25.21
N THR B 792 -11.72 21.27 -25.70
CA THR B 792 -12.66 20.22 -25.32
C THR B 792 -12.32 19.76 -23.90
N THR B 793 -13.11 20.21 -22.93
CA THR B 793 -12.87 19.87 -21.54
C THR B 793 -13.45 18.51 -21.19
N PHE B 794 -12.77 17.82 -20.29
CA PHE B 794 -13.19 16.50 -19.83
C PHE B 794 -12.67 16.30 -18.41
N ARG B 795 -13.47 15.64 -17.57
CA ARG B 795 -13.09 15.42 -16.19
C ARG B 795 -13.55 14.03 -15.74
N TYR B 796 -12.85 13.49 -14.75
CA TYR B 796 -13.15 12.20 -14.15
C TYR B 796 -13.18 12.40 -12.63
N THR B 797 -14.34 12.77 -12.11
CA THR B 797 -14.48 13.10 -10.71
C THR B 797 -14.45 11.86 -9.84
N ALA B 798 -14.21 12.06 -8.55
CA ALA B 798 -14.21 10.96 -7.60
C ALA B 798 -15.60 10.35 -7.46
N ASN B 799 -16.64 11.18 -7.55
CA ASN B 799 -18.01 10.66 -7.46
C ASN B 799 -18.30 9.71 -8.62
N GLN B 800 -17.85 10.06 -9.83
CA GLN B 800 -18.06 9.17 -10.97
C GLN B 800 -17.33 7.86 -10.79
N ARG B 801 -16.09 7.90 -10.29
CA ARG B 801 -15.34 6.68 -10.05
C ARG B 801 -16.01 5.81 -9.00
N ALA B 802 -16.50 6.43 -7.92
CA ALA B 802 -17.11 5.67 -6.83
C ALA B 802 -18.38 4.97 -7.30
N VAL B 803 -19.20 5.66 -8.10
CA VAL B 803 -20.44 5.05 -8.59
C VAL B 803 -20.12 3.88 -9.53
N GLU B 804 -19.17 4.08 -10.44
CA GLU B 804 -18.82 3.02 -11.39
C GLU B 804 -18.14 1.86 -10.67
N THR B 805 -17.19 2.14 -9.78
CA THR B 805 -16.54 1.08 -9.02
C THR B 805 -17.51 0.42 -8.05
N GLY B 806 -18.38 1.21 -7.42
CA GLY B 806 -19.32 0.68 -6.46
C GLY B 806 -18.77 0.48 -5.07
N SER B 807 -17.66 1.13 -4.73
CA SER B 807 -17.08 0.97 -3.40
C SER B 807 -18.02 1.48 -2.32
N ARG B 808 -18.69 2.61 -2.57
CA ARG B 808 -19.64 3.14 -1.60
C ARG B 808 -20.83 2.20 -1.42
N ARG B 809 -21.35 1.66 -2.52
CA ARG B 809 -22.46 0.71 -2.41
C ARG B 809 -22.03 -0.56 -1.69
N PHE B 810 -20.83 -1.06 -1.99
CA PHE B 810 -20.33 -2.26 -1.31
C PHE B 810 -20.10 -1.99 0.17
N ALA B 811 -19.61 -0.80 0.51
CA ALA B 811 -19.36 -0.47 1.91
C ALA B 811 -20.66 -0.46 2.71
N LYS B 812 -21.73 0.11 2.14
CA LYS B 812 -23.01 0.12 2.84
C LYS B 812 -23.55 -1.29 3.04
N ARG B 813 -23.45 -2.13 2.01
CA ARG B 813 -23.90 -3.51 2.16
C ARG B 813 -23.05 -4.26 3.18
N ARG B 814 -21.73 -4.05 3.17
CA ARG B 814 -20.87 -4.66 4.16
C ARG B 814 -21.18 -4.15 5.57
N GLU B 815 -21.44 -2.85 5.69
CA GLU B 815 -21.84 -2.30 6.98
C GLU B 815 -23.17 -2.86 7.44
N ALA B 816 -24.12 -3.02 6.52
CA ALA B 816 -25.43 -3.55 6.89
C ALA B 816 -25.34 -4.98 7.39
N MET B 817 -24.52 -5.80 6.73
CA MET B 817 -24.37 -7.19 7.15
C MET B 817 -23.76 -7.29 8.55
N LYS B 818 -22.76 -6.46 8.82
CA LYS B 818 -22.14 -6.47 10.15
C LYS B 818 -23.13 -6.08 11.24
N GLU B 819 -23.95 -5.06 10.98
CA GLU B 819 -24.95 -4.65 11.95
C GLU B 819 -26.00 -5.74 12.17
N GLU B 820 -26.43 -6.39 11.09
CA GLU B 820 -27.42 -7.45 11.22
C GLU B 820 -26.88 -8.64 12.02
N ALA B 821 -25.63 -9.03 11.74
CA ALA B 821 -25.03 -10.16 12.43
C ALA B 821 -24.34 -9.79 13.73
N GLY B 822 -24.20 -8.50 14.03
CA GLY B 822 -23.55 -8.10 15.26
C GLY B 822 -22.04 -8.28 15.26
N VAL B 823 -21.43 -8.44 14.09
CA VAL B 823 -19.99 -8.64 14.02
C VAL B 823 -19.24 -7.38 14.46
N ASP B 824 -19.78 -6.19 14.15
CA ASP B 824 -19.10 -4.95 14.50
C ASP B 824 -18.96 -4.80 16.01
N LEU B 825 -19.98 -5.21 16.76
CA LEU B 825 -19.89 -5.14 18.22
C LEU B 825 -18.81 -6.06 18.74
N ILE B 826 -18.69 -7.26 18.18
CA ILE B 826 -17.67 -8.21 18.62
C ILE B 826 -16.28 -7.68 18.28
N GLU B 827 -16.11 -7.17 17.07
CA GLU B 827 -14.80 -6.69 16.63
C GLU B 827 -14.36 -5.46 17.40
N SER B 828 -15.31 -4.62 17.82
CA SER B 828 -14.96 -3.38 18.51
C SER B 828 -14.25 -3.62 19.83
N ARG B 829 -14.56 -4.71 20.52
CA ARG B 829 -14.00 -5.02 21.83
C ARG B 829 -12.74 -5.87 21.76
N ILE B 830 -12.27 -6.20 20.56
CA ILE B 830 -11.03 -6.97 20.43
C ILE B 830 -9.85 -6.09 20.84
N PRO B 831 -8.98 -6.56 21.74
CA PRO B 831 -7.83 -5.74 22.16
C PRO B 831 -6.85 -5.48 21.02
N SER B 832 -5.92 -4.57 21.24
CA SER B 832 -4.94 -4.21 20.21
C SER B 832 -4.01 -5.37 19.94
N HIS B 833 -3.81 -5.69 18.65
CA HIS B 833 -2.87 -6.74 18.27
C HIS B 833 -1.44 -6.22 18.19
N LYS B 834 -1.25 -4.90 18.24
CA LYS B 834 0.08 -4.31 18.13
C LYS B 834 0.80 -4.22 19.47
N THR B 835 0.15 -4.62 20.56
CA THR B 835 0.78 -4.50 21.87
C THR B 835 1.92 -5.50 22.02
N MET B 836 2.86 -5.18 22.90
CA MET B 836 4.00 -6.04 23.19
C MET B 836 3.88 -6.75 24.52
N ASN B 837 2.90 -6.41 25.35
CA ASN B 837 2.73 -7.05 26.65
C ASN B 837 2.22 -8.47 26.44
N LEU B 838 2.85 -9.43 27.13
CA LEU B 838 2.46 -10.83 26.97
C LEU B 838 1.06 -11.08 27.50
N MET B 839 0.73 -10.53 28.67
CA MET B 839 -0.58 -10.73 29.25
C MET B 839 -1.68 -10.10 28.40
N ASP B 840 -1.43 -8.88 27.89
CA ASP B 840 -2.40 -8.23 27.02
C ASP B 840 -2.60 -9.02 25.73
N PHE B 841 -1.50 -9.52 25.14
CA PHE B 841 -1.61 -10.33 23.94
C PHE B 841 -2.35 -11.64 24.23
N THR B 842 -2.12 -12.23 25.40
CA THR B 842 -2.85 -13.44 25.78
C THR B 842 -4.34 -13.16 25.90
N ARG B 843 -4.70 -12.00 26.49
CA ARG B 843 -6.10 -11.61 26.55
C ARG B 843 -6.68 -11.38 25.16
N TYR B 844 -5.86 -10.84 24.25
CA TYR B 844 -6.31 -10.62 22.88
C TYR B 844 -6.68 -11.93 22.20
N LEU B 845 -5.86 -12.96 22.41
CA LEU B 845 -6.16 -14.27 21.83
C LEU B 845 -7.44 -14.86 22.42
N LEU B 846 -7.63 -14.71 23.73
CA LEU B 846 -8.82 -15.25 24.38
C LEU B 846 -10.09 -14.57 23.87
N VAL B 847 -10.06 -13.24 23.72
CA VAL B 847 -11.21 -12.53 23.18
C VAL B 847 -11.46 -12.94 21.74
N ARG B 848 -10.40 -13.07 20.94
CA ARG B 848 -10.55 -13.51 19.56
C ARG B 848 -11.10 -14.93 19.51
N ARG B 849 -10.62 -15.80 20.38
CA ARG B 849 -11.10 -17.17 20.42
C ARG B 849 -12.55 -17.26 20.91
N ALA B 850 -12.99 -16.28 21.71
CA ALA B 850 -14.32 -16.34 22.31
C ALA B 850 -15.41 -16.36 21.24
N ASP B 851 -15.26 -15.51 20.21
CA ASP B 851 -16.24 -15.44 19.12
C ASP B 851 -15.58 -15.69 17.77
N TRP B 852 -14.57 -16.56 17.74
CA TRP B 852 -13.92 -16.87 16.47
C TRP B 852 -14.87 -17.57 15.51
N ASP B 853 -15.70 -18.49 16.02
CA ASP B 853 -16.62 -19.22 15.17
C ASP B 853 -17.66 -18.30 14.54
N ARG B 854 -18.18 -17.35 15.32
CA ARG B 854 -19.20 -16.44 14.80
C ARG B 854 -18.64 -15.58 13.67
N ARG B 855 -17.44 -15.03 13.86
CA ARG B 855 -16.84 -14.18 12.83
C ARG B 855 -16.40 -15.00 11.63
N LYS B 856 -15.88 -16.21 11.87
CA LYS B 856 -15.47 -17.07 10.76
C LYS B 856 -16.65 -17.44 9.87
N GLU B 857 -17.79 -17.76 10.48
CA GLU B 857 -18.98 -18.07 9.69
C GLU B 857 -19.47 -16.85 8.91
N PHE B 858 -19.43 -15.67 9.53
CA PHE B 858 -19.88 -14.46 8.84
C PHE B 858 -19.00 -14.15 7.63
N TYR B 859 -17.67 -14.25 7.79
CA TYR B 859 -16.76 -13.98 6.69
C TYR B 859 -16.65 -15.15 5.72
N SER B 860 -17.22 -16.31 6.05
CA SER B 860 -17.27 -17.42 5.12
C SER B 860 -18.32 -17.22 4.03
N HIS B 861 -19.16 -16.19 4.15
CA HIS B 861 -20.18 -15.94 3.15
C HIS B 861 -19.51 -15.56 1.82
N PRO B 862 -20.06 -16.03 0.70
CA PRO B 862 -19.41 -15.74 -0.61
C PRO B 862 -19.37 -14.26 -0.96
N ALA B 863 -20.19 -13.42 -0.31
CA ALA B 863 -20.25 -12.01 -0.69
C ALA B 863 -18.91 -11.31 -0.48
N HIS B 864 -18.22 -11.65 0.61
CA HIS B 864 -16.94 -11.00 0.90
C HIS B 864 -15.93 -11.23 -0.21
N THR B 865 -15.83 -12.47 -0.69
CA THR B 865 -14.95 -12.75 -1.82
C THR B 865 -15.53 -12.22 -3.12
N ARG B 866 -16.87 -12.26 -3.24
CA ARG B 866 -17.51 -11.76 -4.45
C ARG B 866 -17.32 -10.25 -4.60
N TRP B 867 -17.34 -9.52 -3.48
CA TRP B 867 -17.15 -8.07 -3.54
C TRP B 867 -15.76 -7.73 -4.06
N LYS B 868 -14.74 -8.50 -3.66
CA LYS B 868 -13.40 -8.30 -4.19
C LYS B 868 -13.37 -8.52 -5.69
N TRP B 869 -14.06 -9.56 -6.17
CA TRP B 869 -14.08 -9.86 -7.59
C TRP B 869 -14.91 -8.84 -8.35
N HIS B 870 -16.05 -8.45 -7.79
CA HIS B 870 -16.90 -7.46 -8.46
C HIS B 870 -16.23 -6.09 -8.51
N SER B 871 -15.49 -5.73 -7.46
CA SER B 871 -14.75 -4.46 -7.48
C SER B 871 -13.69 -4.46 -8.57
N PHE B 872 -13.03 -5.61 -8.77
CA PHE B 872 -12.02 -5.70 -9.84
C PHE B 872 -12.66 -5.51 -11.21
N ILE B 873 -13.82 -6.12 -11.42
CA ILE B 873 -14.51 -5.97 -12.71
C ILE B 873 -14.98 -4.54 -12.89
N ASN B 874 -15.57 -3.95 -11.85
CA ASN B 874 -16.06 -2.57 -11.94
C ASN B 874 -14.92 -1.59 -12.16
N ARG B 875 -13.80 -1.77 -11.46
CA ARG B 875 -12.65 -0.90 -11.66
C ARG B 875 -12.10 -1.04 -13.07
N GLN B 876 -12.02 -2.27 -13.58
CA GLN B 876 -11.51 -2.50 -14.93
C GLN B 876 -12.43 -1.85 -15.96
N LYS B 877 -13.74 -1.99 -15.79
CA LYS B 877 -14.68 -1.35 -16.71
C LYS B 877 -14.61 0.17 -16.61
N SER B 878 -14.45 0.69 -15.40
CA SER B 878 -14.35 2.14 -15.23
C SER B 878 -13.13 2.70 -15.93
N GLU B 879 -11.99 2.01 -15.81
CA GLU B 879 -10.78 2.44 -16.51
C GLU B 879 -10.96 2.32 -18.03
N SER B 880 -11.59 1.23 -18.48
CA SER B 880 -11.81 1.06 -19.91
C SER B 880 -12.74 2.13 -20.47
N ASP B 881 -13.80 2.45 -19.75
CA ASP B 881 -14.70 3.52 -20.19
C ASP B 881 -13.99 4.87 -20.19
N LEU B 882 -13.14 5.11 -19.20
CA LEU B 882 -12.41 6.36 -19.12
C LEU B 882 -11.49 6.54 -20.34
N ILE B 883 -10.77 5.48 -20.71
CA ILE B 883 -9.90 5.56 -21.88
C ILE B 883 -10.72 5.75 -23.15
N SER B 884 -11.84 5.04 -23.27
CA SER B 884 -12.69 5.17 -24.46
C SER B 884 -13.24 6.58 -24.58
N ASN B 885 -13.69 7.17 -23.46
CA ASN B 885 -14.21 8.53 -23.51
C ASN B 885 -13.14 9.52 -23.92
N MET B 886 -11.92 9.38 -23.38
CA MET B 886 -10.84 10.27 -23.75
C MET B 886 -10.47 10.12 -25.21
N ARG B 887 -10.44 8.88 -25.72
CA ARG B 887 -10.13 8.66 -27.13
C ARG B 887 -11.18 9.29 -28.03
N ASN B 888 -12.46 9.14 -27.68
CA ASN B 888 -13.51 9.76 -28.48
C ASN B 888 -13.43 11.28 -28.41
N LYS B 889 -13.08 11.82 -27.25
CA LYS B 889 -13.07 13.27 -27.08
C LYS B 889 -11.88 13.92 -27.76
N TYR B 890 -10.70 13.28 -27.70
CA TYR B 890 -9.47 13.91 -28.15
C TYR B 890 -8.84 13.25 -29.36
N GLY B 891 -9.26 12.04 -29.74
CA GLY B 891 -8.68 11.32 -30.85
C GLY B 891 -8.13 9.97 -30.42
N GLU B 892 -7.90 9.13 -31.42
CA GLU B 892 -7.43 7.77 -31.17
C GLU B 892 -6.06 7.77 -30.49
N ASN B 893 -5.16 8.62 -30.96
CA ASN B 893 -3.81 8.71 -30.39
C ASN B 893 -3.61 10.09 -29.78
N PHE B 894 -3.16 10.12 -28.53
CA PHE B 894 -2.90 11.37 -27.84
C PHE B 894 -1.89 11.12 -26.73
N THR B 895 -1.27 12.20 -26.26
CA THR B 895 -0.28 12.15 -25.20
C THR B 895 -0.81 12.90 -23.98
N VAL B 896 -0.68 12.28 -22.81
CA VAL B 896 -1.22 12.82 -21.57
C VAL B 896 -0.08 13.44 -20.77
N VAL B 897 -0.28 14.66 -20.29
CA VAL B 897 0.63 15.34 -19.39
C VAL B 897 -0.11 15.57 -18.08
N MET B 898 0.44 15.06 -16.99
CA MET B 898 -0.20 15.11 -15.68
C MET B 898 0.68 15.86 -14.70
N GLY B 899 0.05 16.55 -13.75
CA GLY B 899 0.81 17.30 -12.76
C GLY B 899 1.61 16.37 -11.87
N ASP B 900 2.72 16.89 -11.36
CA ASP B 900 3.61 16.08 -10.51
C ASP B 900 3.06 15.88 -9.11
N TRP B 901 2.03 16.65 -8.72
CA TRP B 901 1.45 16.50 -7.39
C TRP B 901 0.90 15.08 -7.20
N SER B 902 1.25 14.47 -6.08
CA SER B 902 0.85 13.09 -5.81
C SER B 902 0.79 12.89 -4.31
N ASP B 903 -0.40 12.57 -3.80
CA ASP B 903 -0.57 12.26 -2.37
C ASP B 903 -0.30 10.77 -2.13
N ALA B 904 0.95 10.38 -2.40
CA ALA B 904 1.36 8.98 -2.33
C ALA B 904 1.78 8.62 -0.92
N GLY B 905 1.16 7.58 -0.36
CA GLY B 905 1.47 7.15 0.98
C GLY B 905 0.90 8.07 2.03
N ARG B 906 1.44 9.28 2.11
CA ARG B 906 0.91 10.29 3.02
C ARG B 906 -0.38 10.87 2.46
N THR B 907 -1.41 10.93 3.30
CA THR B 907 -2.67 11.55 2.95
C THR B 907 -3.05 12.55 4.03
N ALA B 908 -3.56 13.70 3.59
CA ALA B 908 -3.93 14.75 4.53
C ALA B 908 -5.09 14.30 5.42
N ARG B 909 -5.06 14.74 6.67
CA ARG B 909 -6.11 14.39 7.61
C ARG B 909 -7.43 15.02 7.18
N PHE B 910 -8.53 14.35 7.54
CA PHE B 910 -9.89 14.76 7.19
C PHE B 910 -10.12 14.75 5.68
N GLN B 911 -9.33 14.00 4.93
CA GLN B 911 -9.47 13.88 3.49
C GLN B 911 -9.42 12.42 3.08
N THR B 912 -10.26 12.05 2.13
CA THR B 912 -10.32 10.68 1.65
C THR B 912 -9.14 10.39 0.72
N SER B 913 -8.89 9.10 0.52
CA SER B 913 -7.81 8.69 -0.38
C SER B 913 -8.17 8.99 -1.83
N SER B 914 -7.14 9.18 -2.65
CA SER B 914 -7.35 9.48 -4.07
C SER B 914 -6.21 8.88 -4.87
N LYS B 915 -6.55 8.38 -6.06
CA LYS B 915 -5.55 7.78 -6.94
C LYS B 915 -4.75 8.86 -7.66
N THR B 916 -3.45 8.92 -7.38
CA THR B 916 -2.61 9.97 -7.95
C THR B 916 -1.53 9.39 -8.86
N LYS B 917 -0.75 8.43 -8.35
CA LYS B 917 0.35 7.88 -9.13
C LYS B 917 -0.08 6.66 -9.94
N GLY B 918 -1.23 6.07 -9.63
CA GLY B 918 -1.68 4.90 -10.35
C GLY B 918 -2.11 5.19 -11.77
N TRP B 919 -2.43 6.45 -12.08
CA TRP B 919 -2.84 6.79 -13.44
C TRP B 919 -1.68 6.69 -14.41
N ARG B 920 -0.44 6.84 -13.94
CA ARG B 920 0.72 6.66 -14.79
C ARG B 920 0.80 5.22 -15.30
N THR B 921 0.54 4.26 -14.41
CA THR B 921 0.52 2.86 -14.82
C THR B 921 -0.65 2.57 -15.75
N LEU B 922 -1.82 3.14 -15.46
CA LEU B 922 -3.00 2.88 -16.28
C LEU B 922 -2.80 3.35 -17.71
N PHE B 923 -2.22 4.54 -17.89
CA PHE B 923 -1.94 5.03 -19.23
C PHE B 923 -0.89 4.16 -19.93
N LYS B 924 0.07 3.65 -19.17
CA LYS B 924 1.08 2.77 -19.75
C LYS B 924 0.45 1.47 -20.25
N ARG B 925 -0.51 0.92 -19.50
CA ARG B 925 -1.18 -0.30 -19.94
C ARG B 925 -1.94 -0.09 -21.25
N ASN B 926 -2.61 1.06 -21.37
CA ASN B 926 -3.36 1.39 -22.57
C ASN B 926 -2.49 1.99 -23.67
N ARG B 927 -1.17 1.87 -23.56
CA ARG B 927 -0.23 2.37 -24.56
C ARG B 927 -0.42 3.87 -24.81
N ILE B 928 -0.63 4.62 -23.74
CA ILE B 928 -0.81 6.06 -23.80
C ILE B 928 0.30 6.71 -22.99
N ASP B 929 1.01 7.65 -23.61
CA ASP B 929 2.12 8.31 -22.94
C ASP B 929 1.64 9.17 -21.78
N CYS B 930 2.39 9.14 -20.68
CA CYS B 930 2.09 9.93 -19.49
C CYS B 930 3.36 10.61 -19.04
N PHE B 931 3.34 11.95 -19.03
CA PHE B 931 4.51 12.75 -18.69
C PHE B 931 4.16 13.66 -17.52
N LEU B 932 5.07 13.78 -16.57
CA LEU B 932 4.84 14.59 -15.38
C LEU B 932 5.12 16.07 -15.68
N LEU B 933 4.56 16.94 -14.85
CA LEU B 933 4.73 18.37 -14.98
C LEU B 933 4.64 19.01 -13.60
N ASP B 934 5.52 19.97 -13.33
CA ASP B 934 5.55 20.64 -12.03
C ASP B 934 4.30 21.49 -11.86
N GLU B 935 3.65 21.36 -10.71
CA GLU B 935 2.44 22.13 -10.42
C GLU B 935 2.71 23.35 -9.55
N TYR B 936 3.96 23.72 -9.34
CA TYR B 936 4.28 24.84 -8.46
C TYR B 936 3.62 26.12 -8.95
N LYS B 937 2.71 26.65 -8.14
CA LYS B 937 2.01 27.92 -8.37
C LYS B 937 1.26 27.94 -9.69
N THR B 938 0.76 26.79 -10.14
CA THR B 938 -0.03 26.73 -11.37
C THR B 938 -1.48 27.13 -11.16
N SER B 939 -1.92 27.27 -9.91
CA SER B 939 -3.30 27.64 -9.61
C SER B 939 -3.43 29.09 -9.13
N SER B 940 -2.37 29.89 -9.21
CA SER B 940 -2.38 31.27 -8.74
C SER B 940 -2.06 32.27 -9.84
N VAL B 941 -2.27 31.89 -11.10
CA VAL B 941 -1.98 32.75 -12.24
C VAL B 941 -3.21 32.78 -13.15
N CYS B 942 -3.62 33.99 -13.54
CA CYS B 942 -4.73 34.16 -14.47
C CYS B 942 -4.20 34.07 -15.89
N PRO B 943 -4.66 33.11 -16.71
CA PRO B 943 -4.12 33.00 -18.07
C PRO B 943 -4.36 34.21 -18.94
N ARG B 944 -5.47 34.92 -18.74
CA ARG B 944 -5.80 36.06 -19.58
C ARG B 944 -4.84 37.24 -19.37
N CYS B 945 -4.18 37.30 -18.20
CA CYS B 945 -3.26 38.39 -17.92
C CYS B 945 -1.87 37.92 -17.47
N SER B 946 -1.68 36.64 -17.17
CA SER B 946 -0.40 36.09 -16.74
C SER B 946 0.15 36.85 -15.53
N SER B 947 -0.74 37.14 -14.58
CA SER B 947 -0.36 37.86 -13.37
C SER B 947 -0.91 37.12 -12.15
N SER B 948 -0.17 37.21 -11.05
CA SER B 948 -0.55 36.56 -9.80
C SER B 948 -0.94 37.54 -8.70
N GLU B 949 -0.73 38.85 -8.92
CA GLU B 949 -1.04 39.82 -7.88
C GLU B 949 -2.55 39.95 -7.66
N PHE B 950 -3.34 39.86 -8.74
CA PHE B 950 -4.77 40.10 -8.68
C PHE B 950 -5.58 38.86 -8.40
N VAL B 951 -4.94 37.71 -8.18
CA VAL B 951 -5.66 36.47 -7.92
C VAL B 951 -6.15 36.48 -6.48
N GLU B 952 -7.44 36.19 -6.31
CA GLU B 952 -8.07 36.18 -5.00
C GLU B 952 -8.39 34.75 -4.59
N LYS B 953 -8.07 34.41 -3.34
CA LYS B 953 -8.27 33.07 -2.82
C LYS B 953 -9.14 33.13 -1.56
N LYS B 954 -10.09 32.20 -1.47
CA LYS B 954 -10.95 32.06 -0.30
C LYS B 954 -11.70 33.35 0.02
N PHE B 955 -12.17 34.06 -1.01
CA PHE B 955 -12.81 35.35 -0.78
C PHE B 955 -14.22 35.20 -0.23
N LYS B 956 -14.91 34.11 -0.56
CA LYS B 956 -16.29 33.91 -0.14
C LYS B 956 -16.39 32.70 0.78
N THR B 957 -17.38 32.75 1.68
CA THR B 957 -17.63 31.69 2.64
C THR B 957 -19.04 31.16 2.46
N ARG B 958 -19.24 29.91 2.88
CA ARG B 958 -20.54 29.24 2.76
C ARG B 958 -20.60 28.16 3.83
N PRO B 959 -21.81 27.70 4.17
CA PRO B 959 -21.92 26.61 5.15
C PRO B 959 -21.17 25.38 4.67
N HIS B 960 -20.60 24.65 5.62
CA HIS B 960 -19.74 23.51 5.30
C HIS B 960 -20.52 22.47 4.51
N SER B 961 -19.88 21.94 3.47
CA SER B 961 -20.58 21.06 2.54
C SER B 961 -20.79 19.67 3.11
N ARG B 962 -19.91 19.20 3.97
CA ARG B 962 -20.06 17.88 4.57
C ARG B 962 -21.30 17.87 5.47
N PRO B 963 -22.22 16.90 5.31
CA PRO B 963 -23.50 17.00 6.02
C PRO B 963 -23.38 17.05 7.53
N TRP B 964 -22.44 16.31 8.12
CA TRP B 964 -22.30 16.34 9.58
C TRP B 964 -21.71 17.67 10.04
N ARG B 965 -20.80 18.25 9.24
CA ARG B 965 -20.27 19.57 9.57
C ARG B 965 -21.34 20.64 9.44
N ARG B 966 -22.20 20.52 8.42
CA ARG B 966 -23.24 21.52 8.22
C ARG B 966 -24.23 21.54 9.38
N ARG B 967 -24.61 20.36 9.88
CA ARG B 967 -25.51 20.30 11.02
C ARG B 967 -24.87 20.92 12.26
N GLU B 968 -23.56 20.71 12.45
CA GLU B 968 -22.85 21.33 13.55
C GLU B 968 -22.79 22.84 13.43
N GLY B 969 -22.89 23.37 12.21
CA GLY B 969 -22.85 24.80 11.99
C GLY B 969 -21.52 25.34 11.50
N LYS B 970 -20.58 24.49 11.12
CA LYS B 970 -19.29 24.95 10.64
C LYS B 970 -19.44 25.65 9.29
N ILE B 971 -18.54 26.61 9.04
CA ILE B 971 -18.51 27.37 7.81
C ILE B 971 -17.17 27.16 7.12
N GLU B 972 -17.22 26.79 5.84
CA GLU B 972 -16.02 26.50 5.07
C GLU B 972 -15.74 27.62 4.08
N LYS B 973 -14.47 27.76 3.72
CA LYS B 973 -14.05 28.71 2.71
C LYS B 973 -13.88 28.00 1.38
N VAL B 974 -14.35 28.65 0.31
CA VAL B 974 -14.31 28.03 -1.01
C VAL B 974 -12.87 28.02 -1.52
N HIS B 975 -12.38 26.84 -1.89
CA HIS B 975 -11.03 26.70 -2.44
C HIS B 975 -11.00 26.52 -3.95
N GLY B 976 -12.04 25.93 -4.52
CA GLY B 976 -12.09 25.69 -5.95
C GLY B 976 -12.52 26.86 -6.79
N LEU B 977 -12.93 27.97 -6.19
CA LEU B 977 -13.34 29.16 -6.90
C LEU B 977 -12.35 30.29 -6.64
N LEU B 978 -11.80 30.85 -7.71
CA LEU B 978 -10.83 31.93 -7.62
C LEU B 978 -11.22 33.04 -8.60
N GLY B 979 -10.79 34.26 -8.29
CA GLY B 979 -11.13 35.40 -9.10
C GLY B 979 -9.91 36.27 -9.37
N CYS B 980 -10.00 37.03 -10.46
CA CYS B 980 -8.95 37.94 -10.88
C CYS B 980 -9.43 39.37 -10.76
N THR B 981 -8.66 40.19 -10.05
CA THR B 981 -9.02 41.59 -9.80
C THR B 981 -8.42 42.55 -10.82
N ASN B 982 -7.72 42.04 -11.84
CA ASN B 982 -7.11 42.90 -12.84
C ASN B 982 -8.20 43.60 -13.65
N PRO B 983 -8.17 44.93 -13.75
CA PRO B 983 -9.20 45.63 -14.53
C PRO B 983 -9.24 45.23 -15.98
N ASN B 984 -8.11 44.82 -16.55
CA ASN B 984 -8.09 44.40 -17.95
C ASN B 984 -8.98 43.18 -18.17
N CYS B 985 -8.93 42.21 -17.25
CA CYS B 985 -9.80 41.04 -17.35
C CYS B 985 -11.27 41.36 -17.10
N LEU B 986 -11.55 42.53 -16.52
CA LEU B 986 -12.91 42.90 -16.16
C LEU B 986 -13.60 43.64 -17.32
N GLN B 987 -14.91 43.83 -17.16
CA GLN B 987 -15.72 44.58 -18.10
C GLN B 987 -16.53 45.62 -17.36
N GLN B 988 -16.85 46.71 -18.05
CA GLN B 988 -17.58 47.81 -17.41
C GLN B 988 -18.98 47.38 -16.99
N ALA B 989 -19.62 46.50 -17.77
CA ALA B 989 -20.98 46.06 -17.44
C ALA B 989 -21.01 45.13 -16.23
N TRP B 990 -19.87 44.57 -15.84
CA TRP B 990 -19.83 43.65 -14.70
C TRP B 990 -20.06 44.39 -13.40
N THR B 991 -20.77 43.74 -12.48
CA THR B 991 -21.02 44.28 -11.15
C THR B 991 -20.34 43.49 -10.04
N SER B 992 -19.80 42.30 -10.34
CA SER B 992 -19.16 41.50 -9.32
C SER B 992 -17.82 42.11 -8.91
N GLY B 993 -17.11 42.73 -9.85
CA GLY B 993 -15.82 43.32 -9.57
C GLY B 993 -14.64 42.39 -9.75
N MET B 994 -14.86 41.14 -10.12
CA MET B 994 -13.77 40.20 -10.34
C MET B 994 -14.20 39.17 -11.39
N ARG B 995 -13.23 38.69 -12.15
CA ARG B 995 -13.46 37.65 -13.15
C ARG B 995 -13.26 36.30 -12.46
N TYR B 996 -14.36 35.61 -12.19
CA TYR B 996 -14.30 34.33 -11.50
C TYR B 996 -13.67 33.26 -12.39
N TRP B 997 -13.01 32.30 -11.73
CA TRP B 997 -12.36 31.20 -12.43
C TRP B 997 -12.46 29.94 -11.57
N ASN B 998 -12.32 28.80 -12.24
CA ASN B 998 -12.33 27.50 -11.58
C ASN B 998 -10.87 27.08 -11.34
N ARG B 999 -10.60 26.56 -10.14
CA ARG B 999 -9.24 26.14 -9.81
C ARG B 999 -8.74 25.05 -10.74
N ASP B 1000 -9.59 24.06 -11.01
CA ASP B 1000 -9.22 23.02 -11.97
C ASP B 1000 -9.03 23.59 -13.37
N MET B 1001 -9.91 24.51 -13.77
CA MET B 1001 -9.78 25.15 -15.08
C MET B 1001 -8.52 26.00 -15.14
N LEU B 1002 -8.20 26.71 -14.06
CA LEU B 1002 -7.01 27.55 -14.04
C LEU B 1002 -5.75 26.72 -14.22
N SER B 1003 -5.65 25.59 -13.51
CA SER B 1003 -4.46 24.76 -13.61
C SER B 1003 -4.29 24.17 -15.00
N THR B 1004 -5.38 23.69 -15.59
CA THR B 1004 -5.31 23.11 -16.93
C THR B 1004 -4.94 24.17 -17.96
N CYS B 1005 -5.52 25.36 -17.85
CA CYS B 1005 -5.15 26.44 -18.76
C CYS B 1005 -3.69 26.85 -18.56
N ASN B 1006 -3.24 26.93 -17.30
CA ASN B 1006 -1.85 27.24 -17.04
C ASN B 1006 -0.92 26.14 -17.54
N MET B 1007 -1.32 24.89 -17.38
CA MET B 1007 -0.52 23.78 -17.90
C MET B 1007 -0.41 23.84 -19.41
N LEU B 1008 -1.50 24.21 -20.10
CA LEU B 1008 -1.46 24.36 -21.54
C LEU B 1008 -0.46 25.43 -21.96
N LEU B 1009 -0.44 26.56 -21.25
CA LEU B 1009 0.53 27.60 -21.53
C LEU B 1009 1.95 27.12 -21.26
N ILE B 1010 2.16 26.38 -20.17
CA ILE B 1010 3.48 25.86 -19.86
C ILE B 1010 3.92 24.85 -20.91
N VAL B 1011 3.02 23.95 -21.31
CA VAL B 1011 3.36 22.93 -22.30
C VAL B 1011 3.65 23.58 -23.65
N ARG B 1012 2.81 24.53 -24.07
CA ARG B 1012 3.03 25.20 -25.35
C ARG B 1012 4.34 25.98 -25.35
N SER B 1013 4.65 26.65 -24.25
CA SER B 1013 5.92 27.38 -24.16
C SER B 1013 7.11 26.44 -24.25
N MET B 1014 7.04 25.29 -23.57
CA MET B 1014 8.12 24.33 -23.64
C MET B 1014 8.27 23.76 -25.05
N LEU B 1015 7.16 23.46 -25.70
CA LEU B 1015 7.22 22.94 -27.07
C LEU B 1015 7.81 23.97 -28.03
N ASP B 1016 7.45 25.24 -27.86
CA ASP B 1016 8.01 26.30 -28.70
C ASP B 1016 9.47 26.58 -28.40
N GLY B 1017 10.02 26.04 -27.31
CA GLY B 1017 11.40 26.24 -26.96
C GLY B 1017 11.67 27.36 -25.98
N HIS B 1018 10.63 28.05 -25.51
CA HIS B 1018 10.82 29.14 -24.56
C HIS B 1018 10.96 28.67 -23.12
N GLY B 1019 10.72 27.38 -22.85
CA GLY B 1019 10.83 26.86 -21.51
C GLY B 1019 9.64 27.23 -20.65
N ARG B 1020 9.75 26.87 -19.37
CA ARG B 1020 8.70 27.17 -18.42
C ARG B 1020 8.57 28.69 -18.24
N PRO B 1021 7.35 29.22 -18.18
CA PRO B 1021 7.19 30.67 -17.98
C PRO B 1021 7.80 31.12 -16.66
N GLU B 1022 8.35 32.34 -16.68
CA GLU B 1022 9.03 32.86 -15.50
C GLU B 1022 8.08 33.09 -14.34
N VAL B 1023 6.80 33.33 -14.62
CA VAL B 1023 5.83 33.55 -13.54
C VAL B 1023 5.64 32.27 -12.74
N PHE B 1024 5.65 31.11 -13.41
CA PHE B 1024 5.51 29.84 -12.72
C PHE B 1024 6.83 29.32 -12.16
N SER B 1025 7.95 30.00 -12.42
CA SER B 1025 9.24 29.53 -11.96
C SER B 1025 9.36 29.65 -10.44
N ARG B 1026 10.10 28.71 -9.86
CA ARG B 1026 10.32 28.71 -8.42
C ARG B 1026 11.28 29.83 -8.01
N SER B 1027 11.33 30.09 -6.72
CA SER B 1027 12.20 31.13 -6.18
C SER B 1027 13.67 30.74 -6.31
MG MG E . -7.29 21.34 -9.46
MG MG F . -3.01 19.61 -9.70
ZN ZN G . -6.46 38.11 -15.07
#